data_7AL7
#
_entry.id   7AL7
#
_cell.length_a   109.815
_cell.length_b   44.520
_cell.length_c   60.276
_cell.angle_alpha   90.000
_cell.angle_beta   99.860
_cell.angle_gamma   90.000
#
_symmetry.space_group_name_H-M   'C 1 2 1'
#
loop_
_entity.id
_entity.type
_entity.pdbx_description
1 polymer 'Interleukin-18-binding protein'
2 polymer 'Glutathione S-transferase class-mu 26 kDa isozyme,Interleukin-18'
3 non-polymer 2-acetamido-2-deoxy-beta-D-glucopyranose
4 water water
#
loop_
_entity_poly.entity_id
_entity_poly.type
_entity_poly.pdbx_seq_one_letter_code
_entity_poly.pdbx_strand_id
1 'polypeptide(L)'
;TG(PCA)CPALEVTWPEVEVPLNGTLSLSCVACSRFPNFSILYWLGNGSFIEHLPGRLWEGSTSRERGSTGTQLCKALVL
EQLTPALHSTNFSCVLVDPEQVVQRHVVLAQLWAGLRATLPPTQEALPSSHSSPQQQGGTSDEVDGGSGGSGLNDIFEAQ
KIEWHEGRTKHHHHHH
;
A
2 'polypeptide(L)'
;MHHHHHHSPILGYWKIKGLVQPTRLLLEYLEEKYEEHLYERDEGDKWRNKKFELGLEFPNLPYYIDGDVKLTQSMAIIRY
IADKHNMLGGCPKERAEISMLEGAVLDIRYGVSRIAYSKDFETLKVDFLSKLPEMLKMFEDRLCHKTYLNGDHVTHPDFM
LYDALDVVLYMDPMCLDAFPKLVCFKKRIEAIPQIDKYLKSSKYIAWPLQGWQATFGGGDHPPKSDREFDEVDYFGKLES
KLSVIRNLNDQVLFIDQGNRPLFEDMTDSDCRDNAPRTIFIISMYKDSQPRGMAVTISVK(CSO)EKISTLSCENKIISF
KEMNPPDNIKDTKSDIIFFQRSVPGHDNKMQFESSSYEGYFLACEKERDLFKLILKKEDELGDRSIMFTVQNED
;
B
#
# COMPACT_ATOMS: atom_id res chain seq x y z
N CYS A 4 17.13 -9.22 -3.32
CA CYS A 4 15.93 -8.51 -2.83
C CYS A 4 16.19 -7.03 -2.51
N PRO A 5 15.38 -6.14 -3.10
CA PRO A 5 14.18 -6.36 -3.93
C PRO A 5 14.50 -6.89 -5.33
N ALA A 6 13.50 -7.47 -6.00
CA ALA A 6 13.67 -8.00 -7.34
C ALA A 6 12.29 -8.16 -7.97
N LEU A 7 12.29 -8.14 -9.30
CA LEU A 7 11.05 -8.32 -10.07
C LEU A 7 11.42 -8.87 -11.44
N GLU A 8 10.76 -9.95 -11.83
CA GLU A 8 10.97 -10.53 -13.15
C GLU A 8 9.65 -11.04 -13.70
N VAL A 9 9.37 -10.74 -14.97
CA VAL A 9 8.23 -11.28 -15.72
C VAL A 9 8.72 -12.33 -16.72
N THR A 10 8.08 -13.49 -16.81
CA THR A 10 8.39 -14.50 -17.83
C THR A 10 7.14 -14.72 -18.69
N TRP A 11 7.36 -15.10 -19.92
CA TRP A 11 6.34 -15.23 -20.97
C TRP A 11 6.61 -16.49 -21.79
N PRO A 12 5.67 -16.98 -22.59
CA PRO A 12 5.92 -18.16 -23.38
C PRO A 12 6.97 -17.91 -24.46
N GLU A 13 7.96 -18.78 -24.62
CA GLU A 13 8.94 -18.64 -25.70
C GLU A 13 8.26 -18.77 -27.06
N VAL A 14 7.37 -19.75 -27.19
CA VAL A 14 6.75 -20.06 -28.49
C VAL A 14 5.60 -19.08 -28.73
N GLU A 15 5.60 -18.45 -29.90
CA GLU A 15 4.50 -17.57 -30.26
C GLU A 15 3.17 -18.32 -30.14
N VAL A 16 2.16 -17.63 -29.62
CA VAL A 16 0.83 -18.21 -29.44
C VAL A 16 -0.03 -17.75 -30.58
N PRO A 17 -0.76 -18.65 -31.26
CA PRO A 17 -1.59 -18.23 -32.38
C PRO A 17 -2.79 -17.42 -31.90
N LEU A 18 -3.42 -16.75 -32.87
CA LEU A 18 -4.64 -16.02 -32.64
C LEU A 18 -5.66 -16.90 -31.92
N ASN A 19 -6.33 -16.31 -30.93
CA ASN A 19 -7.30 -16.98 -30.08
C ASN A 19 -6.70 -18.12 -29.26
N GLY A 20 -5.36 -18.19 -29.17
CA GLY A 20 -4.72 -19.16 -28.31
C GLY A 20 -4.79 -18.77 -26.84
N THR A 21 -4.24 -19.65 -26.01
CA THR A 21 -4.21 -19.44 -24.57
C THR A 21 -2.76 -19.28 -24.11
N LEU A 22 -2.56 -18.48 -23.07
CA LEU A 22 -1.24 -18.32 -22.50
C LEU A 22 -1.36 -17.71 -21.11
N SER A 23 -0.23 -17.75 -20.38
CA SER A 23 -0.02 -17.13 -19.07
C SER A 23 1.33 -16.42 -19.00
N LEU A 24 1.39 -15.34 -18.22
CA LEU A 24 2.60 -14.51 -17.96
C LEU A 24 2.89 -14.73 -16.48
N SER A 25 4.14 -14.97 -16.10
CA SER A 25 4.53 -15.23 -14.70
C SER A 25 5.22 -13.96 -14.16
N CYS A 26 4.82 -13.48 -12.99
CA CYS A 26 5.50 -12.34 -12.36
C CYS A 26 6.04 -12.82 -11.01
N VAL A 27 7.34 -12.68 -10.76
CA VAL A 27 7.98 -13.16 -9.51
C VAL A 27 8.73 -11.97 -8.93
N ALA A 28 8.46 -11.60 -7.69
CA ALA A 28 9.16 -10.50 -7.07
C ALA A 28 9.71 -10.92 -5.72
N CYS A 29 10.60 -10.11 -5.22
CA CYS A 29 11.11 -10.23 -3.86
C CYS A 29 11.04 -8.86 -3.19
N SER A 30 10.57 -8.83 -1.94
CA SER A 30 10.47 -7.61 -1.17
C SER A 30 11.03 -7.84 0.22
N ARG A 31 11.71 -6.85 0.79
CA ARG A 31 12.25 -6.92 2.14
C ARG A 31 11.13 -6.65 3.14
N PHE A 32 9.89 -6.43 2.71
CA PHE A 32 8.81 -6.12 3.64
C PHE A 32 7.83 -7.27 3.70
N PRO A 33 7.87 -8.09 4.75
CA PRO A 33 7.00 -9.29 4.78
C PRO A 33 5.52 -8.99 4.75
N ASN A 34 5.09 -7.87 5.35
CA ASN A 34 3.67 -7.56 5.43
C ASN A 34 3.25 -6.50 4.41
N PHE A 35 3.95 -5.37 4.36
CA PHE A 35 3.53 -4.25 3.53
C PHE A 35 4.21 -4.34 2.17
N SER A 36 3.71 -5.26 1.35
CA SER A 36 4.15 -5.39 -0.03
C SER A 36 3.01 -6.01 -0.81
N ILE A 37 2.82 -5.53 -2.04
CA ILE A 37 1.78 -6.06 -2.92
C ILE A 37 2.35 -6.26 -4.30
N LEU A 38 1.68 -7.11 -5.07
CA LEU A 38 2.02 -7.37 -6.46
C LEU A 38 0.72 -7.43 -7.24
N TYR A 39 0.67 -6.71 -8.36
CA TYR A 39 -0.52 -6.71 -9.18
C TYR A 39 -0.13 -6.38 -10.60
N TRP A 40 -0.99 -6.79 -11.53
CA TRP A 40 -0.78 -6.53 -12.94
C TRP A 40 -1.61 -5.35 -13.39
N LEU A 41 -1.13 -4.66 -14.42
CA LEU A 41 -1.86 -3.63 -15.12
C LEU A 41 -1.82 -3.94 -16.61
N GLY A 42 -2.82 -3.54 -17.37
CA GLY A 42 -2.74 -3.66 -18.83
C GLY A 42 -3.16 -2.34 -19.44
N ASN A 43 -2.29 -1.59 -20.16
CA ASN A 43 -2.49 -0.22 -20.64
C ASN A 43 -2.87 0.68 -19.45
N GLY A 44 -2.25 0.51 -18.29
CA GLY A 44 -2.46 1.32 -17.09
C GLY A 44 -3.77 1.00 -16.41
N SER A 45 -4.45 -0.11 -16.72
CA SER A 45 -5.73 -0.39 -16.08
C SER A 45 -5.65 -1.68 -15.28
N PHE A 46 -6.37 -1.70 -14.16
CA PHE A 46 -6.56 -2.96 -13.43
C PHE A 46 -7.02 -4.04 -14.40
N ILE A 47 -6.58 -5.27 -14.15
CA ILE A 47 -6.94 -6.37 -15.04
C ILE A 47 -8.45 -6.55 -15.07
N GLU A 48 -9.10 -6.47 -13.91
CA GLU A 48 -10.53 -6.69 -13.86
C GLU A 48 -11.33 -5.60 -14.57
N HIS A 49 -10.69 -4.54 -15.05
CA HIS A 49 -11.36 -3.50 -15.80
C HIS A 49 -11.16 -3.65 -17.31
N LEU A 50 -10.40 -4.63 -17.75
CA LEU A 50 -10.12 -4.74 -19.17
C LEU A 50 -11.18 -5.58 -19.88
N PRO A 51 -11.57 -5.19 -21.10
CA PRO A 51 -12.36 -6.11 -21.93
C PRO A 51 -11.52 -7.31 -22.33
N GLY A 52 -12.18 -8.42 -22.56
CA GLY A 52 -11.52 -9.65 -22.96
C GLY A 52 -11.64 -10.72 -21.89
N ARG A 53 -11.05 -11.87 -22.20
CA ARG A 53 -11.08 -13.05 -21.34
C ARG A 53 -9.69 -13.18 -20.68
N LEU A 54 -9.53 -12.55 -19.53
CA LEU A 54 -8.25 -12.61 -18.84
C LEU A 54 -8.44 -12.32 -17.36
N TRP A 55 -7.46 -12.76 -16.58
CA TRP A 55 -7.55 -12.65 -15.14
C TRP A 55 -6.21 -12.92 -14.50
N GLU A 56 -6.03 -12.39 -13.29
CA GLU A 56 -4.84 -12.63 -12.50
C GLU A 56 -5.21 -13.46 -11.28
N GLY A 57 -4.35 -14.40 -10.93
CA GLY A 57 -4.53 -15.23 -9.76
C GLY A 57 -4.13 -14.51 -8.49
N SER A 58 -4.18 -15.25 -7.38
CA SER A 58 -3.77 -14.72 -6.11
C SER A 58 -2.26 -14.52 -6.06
N THR A 59 -1.85 -13.50 -5.30
CA THR A 59 -0.45 -13.29 -4.99
C THR A 59 -0.10 -14.30 -3.91
N SER A 60 0.74 -15.28 -4.27
CA SER A 60 1.27 -16.20 -3.27
C SER A 60 2.52 -15.58 -2.65
N ARG A 61 2.71 -15.82 -1.35
CA ARG A 61 3.79 -15.21 -0.60
C ARG A 61 4.55 -16.27 0.17
N GLU A 62 5.88 -16.24 0.10
CA GLU A 62 6.73 -17.21 0.78
C GLU A 62 7.88 -16.46 1.45
N ARG A 63 8.11 -16.71 2.75
CA ARG A 63 9.15 -16.02 3.53
C ARG A 63 10.42 -16.86 3.42
N GLY A 64 11.43 -16.36 2.70
CA GLY A 64 12.73 -17.03 2.51
C GLY A 64 13.79 -16.47 3.45
N SER A 65 15.06 -16.56 3.06
CA SER A 65 16.18 -16.03 3.88
C SER A 65 16.75 -14.76 3.23
N THR A 66 16.30 -14.43 2.01
CA THR A 66 16.78 -13.22 1.29
C THR A 66 15.76 -12.09 1.46
N GLY A 67 14.49 -12.44 1.71
CA GLY A 67 13.38 -11.49 1.91
C GLY A 67 11.99 -12.13 1.88
N THR A 68 11.08 -11.71 1.03
CA THR A 68 9.76 -12.37 0.95
C THR A 68 9.40 -12.49 -0.54
N GLN A 69 9.16 -13.68 -1.07
CA GLN A 69 8.87 -13.84 -2.52
C GLN A 69 7.38 -13.68 -2.79
N LEU A 70 7.00 -12.87 -3.77
CA LEU A 70 5.61 -12.64 -4.17
C LEU A 70 5.46 -13.21 -5.59
N CYS A 71 4.41 -13.93 -5.89
CA CYS A 71 4.18 -14.54 -7.21
C CYS A 71 2.77 -14.24 -7.65
N LYS A 72 2.56 -13.91 -8.91
CA LYS A 72 1.20 -13.65 -9.37
C LYS A 72 1.14 -13.97 -10.85
N ALA A 73 0.15 -14.76 -11.26
CA ALA A 73 -0.01 -15.15 -12.66
C ALA A 73 -1.09 -14.31 -13.34
N LEU A 74 -0.85 -13.97 -14.59
CA LEU A 74 -1.83 -13.32 -15.45
C LEU A 74 -2.18 -14.32 -16.54
N VAL A 75 -3.45 -14.69 -16.63
CA VAL A 75 -3.90 -15.73 -17.53
C VAL A 75 -4.71 -15.08 -18.65
N LEU A 76 -4.31 -15.34 -19.88
CA LEU A 76 -4.98 -14.84 -21.08
C LEU A 76 -5.71 -16.02 -21.70
N GLU A 77 -7.03 -16.08 -21.54
CA GLU A 77 -7.87 -17.22 -21.99
C GLU A 77 -7.96 -17.29 -23.52
N GLN A 78 -7.93 -16.14 -24.19
CA GLN A 78 -8.11 -16.02 -25.66
C GLN A 78 -7.23 -14.87 -26.17
N LEU A 79 -6.15 -15.15 -26.86
CA LEU A 79 -5.19 -14.13 -27.28
C LEU A 79 -5.74 -13.38 -28.49
N THR A 80 -6.40 -12.27 -28.28
CA THR A 80 -6.93 -11.45 -29.36
C THR A 80 -5.87 -10.44 -29.80
N PRO A 81 -6.08 -9.78 -30.96
CA PRO A 81 -5.15 -8.71 -31.34
C PRO A 81 -5.01 -7.65 -30.26
N ALA A 82 -6.10 -7.30 -29.59
CA ALA A 82 -6.05 -6.27 -28.56
C ALA A 82 -5.13 -6.67 -27.42
N LEU A 83 -5.26 -7.90 -26.91
CA LEU A 83 -4.38 -8.34 -25.85
C LEU A 83 -2.95 -8.53 -26.36
N HIS A 84 -2.81 -8.98 -27.61
CA HIS A 84 -1.49 -9.17 -28.21
C HIS A 84 -0.70 -7.87 -28.25
N SER A 85 -1.40 -6.74 -28.34
CA SER A 85 -0.76 -5.43 -28.41
C SER A 85 -0.80 -4.66 -27.09
N THR A 86 -1.21 -5.31 -26.01
CA THR A 86 -1.37 -4.65 -24.72
C THR A 86 -0.04 -4.60 -23.97
N ASN A 87 0.21 -3.45 -23.37
CA ASN A 87 1.36 -3.23 -22.51
C ASN A 87 0.93 -3.69 -21.12
N PHE A 88 1.19 -4.97 -20.86
CA PHE A 88 0.97 -5.61 -19.54
C PHE A 88 2.14 -5.12 -18.69
N SER A 89 1.89 -4.87 -17.41
N SER A 89 1.89 -4.88 -17.40
CA SER A 89 2.93 -4.40 -16.48
CA SER A 89 2.91 -4.39 -16.47
C SER A 89 2.75 -5.03 -15.11
C SER A 89 2.75 -5.04 -15.10
N CYS A 90 3.74 -5.78 -14.64
CA CYS A 90 3.68 -6.27 -13.27
C CYS A 90 4.26 -5.22 -12.34
N VAL A 91 3.52 -4.89 -11.30
CA VAL A 91 3.87 -3.84 -10.35
C VAL A 91 4.14 -4.46 -8.99
N LEU A 92 5.35 -4.26 -8.48
CA LEU A 92 5.67 -4.53 -7.09
C LEU A 92 5.69 -3.21 -6.34
N VAL A 93 5.02 -3.16 -5.19
CA VAL A 93 5.02 -1.96 -4.36
C VAL A 93 5.24 -2.33 -2.90
N ASP A 94 6.19 -1.64 -2.25
CA ASP A 94 6.35 -1.68 -0.81
C ASP A 94 6.80 -0.30 -0.34
N PRO A 95 6.99 -0.08 0.96
CA PRO A 95 7.28 1.28 1.44
C PRO A 95 8.60 1.85 0.94
N GLU A 96 9.51 1.03 0.42
CA GLU A 96 10.79 1.55 -0.03
C GLU A 96 10.80 1.92 -1.51
N GLN A 97 10.09 1.18 -2.36
CA GLN A 97 10.11 1.52 -3.77
C GLN A 97 8.96 0.89 -4.52
N VAL A 98 8.75 1.40 -5.74
CA VAL A 98 7.87 0.82 -6.73
C VAL A 98 8.75 0.28 -7.84
N VAL A 99 8.45 -0.94 -8.29
CA VAL A 99 9.19 -1.57 -9.37
C VAL A 99 8.19 -2.10 -10.39
N GLN A 100 8.49 -1.91 -11.66
CA GLN A 100 7.60 -2.35 -12.74
C GLN A 100 8.41 -3.05 -13.81
N ARG A 101 7.79 -4.05 -14.44
CA ARG A 101 8.32 -4.71 -15.63
C ARG A 101 7.18 -4.84 -16.63
N HIS A 102 7.46 -4.45 -17.87
CA HIS A 102 6.44 -4.34 -18.92
C HIS A 102 6.70 -5.36 -20.02
N VAL A 103 5.61 -5.82 -20.61
CA VAL A 103 5.68 -6.80 -21.68
C VAL A 103 4.58 -6.51 -22.67
N VAL A 104 4.95 -6.44 -23.95
CA VAL A 104 4.02 -6.36 -25.06
C VAL A 104 4.32 -7.58 -25.92
N LEU A 105 3.35 -8.51 -25.98
CA LEU A 105 3.57 -9.76 -26.69
C LEU A 105 3.98 -9.50 -28.13
N ALA A 106 3.32 -8.54 -28.79
CA ALA A 106 3.63 -8.26 -30.18
C ALA A 106 5.09 -7.86 -30.36
N GLN A 107 5.68 -7.20 -29.37
CA GLN A 107 7.09 -6.83 -29.45
C GLN A 107 7.99 -8.04 -29.21
N LEU A 108 7.71 -8.76 -28.15
CA LEU A 108 8.54 -9.91 -27.74
C LEU A 108 8.62 -10.93 -28.86
N TRP A 109 7.56 -11.13 -29.61
CA TRP A 109 7.55 -12.18 -30.66
C TRP A 109 7.97 -11.61 -32.02
N ALA A 110 7.90 -10.28 -32.22
CA ALA A 110 8.22 -9.57 -33.47
C ALA A 110 9.53 -10.09 -34.04
N TYR B 234 -6.40 5.79 -10.16
CA TYR B 234 -7.47 5.29 -9.26
C TYR B 234 -6.93 4.11 -8.46
N PHE B 235 -7.54 3.87 -7.30
CA PHE B 235 -7.06 2.89 -6.33
C PHE B 235 -8.05 1.75 -6.16
N GLY B 236 -7.53 0.56 -5.92
CA GLY B 236 -8.36 -0.56 -5.54
C GLY B 236 -7.79 -1.23 -4.29
N LYS B 237 -8.67 -1.54 -3.35
CA LYS B 237 -8.21 -2.03 -2.05
C LYS B 237 -7.81 -3.50 -2.14
N LEU B 238 -6.70 -3.83 -1.49
CA LEU B 238 -6.24 -5.20 -1.38
C LEU B 238 -6.31 -5.61 0.09
N GLU B 239 -5.24 -6.18 0.63
CA GLU B 239 -5.28 -6.74 1.97
C GLU B 239 -5.09 -5.65 3.02
N SER B 240 -5.45 -5.98 4.27
CA SER B 240 -5.34 -5.09 5.42
C SER B 240 -4.51 -5.75 6.51
N LYS B 241 -3.83 -4.92 7.30
CA LYS B 241 -2.97 -5.38 8.37
C LYS B 241 -3.35 -4.64 9.65
N LEU B 242 -3.66 -5.40 10.70
CA LEU B 242 -3.87 -4.80 12.02
C LEU B 242 -2.54 -4.31 12.57
N SER B 243 -2.54 -3.09 13.09
CA SER B 243 -1.30 -2.39 13.37
C SER B 243 -1.44 -1.48 14.58
N VAL B 244 -0.43 -1.52 15.46
CA VAL B 244 -0.24 -0.51 16.50
C VAL B 244 0.79 0.48 15.98
N ILE B 245 0.43 1.75 15.94
CA ILE B 245 1.29 2.80 15.42
C ILE B 245 1.88 3.57 16.60
N ARG B 246 3.20 3.65 16.66
CA ARG B 246 3.89 4.33 17.74
C ARG B 246 4.75 5.47 17.22
N ASN B 247 4.82 6.54 18.01
CA ASN B 247 5.62 7.69 17.68
C ASN B 247 7.04 7.51 18.21
N LEU B 248 7.85 8.56 18.06
CA LEU B 248 9.26 8.46 18.40
C LEU B 248 9.47 8.18 19.89
N ASN B 249 8.54 8.62 20.76
CA ASN B 249 8.66 8.38 22.19
C ASN B 249 7.98 7.07 22.61
N ASP B 250 7.70 6.18 21.67
CA ASP B 250 7.10 4.88 21.93
C ASP B 250 5.70 4.98 22.52
N GLN B 251 5.03 6.11 22.32
CA GLN B 251 3.62 6.25 22.66
C GLN B 251 2.76 5.70 21.54
N VAL B 252 1.54 5.27 21.89
CA VAL B 252 0.66 4.57 20.96
C VAL B 252 -0.40 5.51 20.44
N LEU B 253 -0.66 5.45 19.15
CA LEU B 253 -1.75 6.21 18.55
C LEU B 253 -3.09 5.70 19.04
N PHE B 254 -4.04 6.62 19.23
CA PHE B 254 -5.40 6.22 19.59
C PHE B 254 -6.38 7.29 19.13
N ILE B 255 -7.64 6.88 19.00
CA ILE B 255 -8.74 7.77 18.64
C ILE B 255 -9.48 8.13 19.91
N ASP B 256 -9.46 9.42 20.27
CA ASP B 256 -10.01 9.83 21.55
C ASP B 256 -11.52 10.07 21.41
N GLN B 257 -12.13 10.50 22.51
CA GLN B 257 -13.59 10.59 22.57
C GLN B 257 -14.15 11.65 21.63
N GLY B 258 -13.30 12.53 21.08
CA GLY B 258 -13.77 13.52 20.15
C GLY B 258 -13.26 13.29 18.75
N ASN B 259 -12.89 12.05 18.44
CA ASN B 259 -12.36 11.67 17.14
C ASN B 259 -11.03 12.35 16.83
N ARG B 260 -10.32 12.79 17.87
CA ARG B 260 -8.99 13.35 17.67
C ARG B 260 -7.96 12.23 17.67
N PRO B 261 -7.00 12.26 16.75
CA PRO B 261 -5.90 11.29 16.81
C PRO B 261 -4.81 11.77 17.76
N LEU B 262 -4.55 11.02 18.83
CA LEU B 262 -3.58 11.40 19.85
C LEU B 262 -2.70 10.20 20.15
N PHE B 263 -1.69 10.41 21.01
CA PHE B 263 -0.78 9.36 21.43
C PHE B 263 -0.78 9.24 22.95
N GLU B 264 -0.58 8.01 23.43
CA GLU B 264 -0.60 7.75 24.86
C GLU B 264 0.53 6.80 25.23
N ASP B 265 1.02 6.93 26.47
CA ASP B 265 1.95 5.96 27.04
C ASP B 265 1.32 4.57 27.12
N MET B 266 2.14 3.54 26.98
CA MET B 266 1.64 2.18 27.18
C MET B 266 2.80 1.20 27.33
N THR B 267 2.58 0.23 28.18
CA THR B 267 3.53 -0.87 28.45
C THR B 267 3.22 -1.97 27.45
N ASP B 268 4.21 -2.80 27.14
CA ASP B 268 4.09 -3.90 26.15
C ASP B 268 3.67 -5.22 26.81
N SER B 269 3.43 -5.27 28.12
CA SER B 269 3.14 -6.51 28.87
C SER B 269 1.67 -6.96 28.83
N ASP B 270 0.69 -6.11 29.14
CA ASP B 270 -0.72 -6.56 29.25
C ASP B 270 -1.59 -6.08 28.06
N CYS B 271 -2.32 -7.00 27.43
CA CYS B 271 -3.09 -6.70 26.21
C CYS B 271 -4.44 -6.11 26.58
N ARG B 272 -4.90 -6.22 27.83
CA ARG B 272 -6.11 -5.45 28.20
C ARG B 272 -5.70 -3.99 27.99
N ASP B 273 -4.41 -3.65 28.01
CA ASP B 273 -4.03 -2.28 27.74
C ASP B 273 -4.20 -1.93 26.26
N ASN B 274 -4.11 -2.93 25.40
CA ASN B 274 -4.10 -2.70 23.95
C ASN B 274 -5.54 -2.59 23.45
N ALA B 275 -6.14 -1.44 23.78
CA ALA B 275 -7.57 -1.25 23.69
C ALA B 275 -8.04 -1.13 22.25
N PRO B 276 -9.33 -1.34 22.01
CA PRO B 276 -9.83 -1.28 20.62
C PRO B 276 -9.47 0.01 19.91
N ARG B 277 -9.46 1.14 20.63
CA ARG B 277 -9.16 2.43 20.02
C ARG B 277 -7.69 2.60 19.65
N THR B 278 -6.82 1.64 19.97
CA THR B 278 -5.41 1.69 19.58
C THR B 278 -5.05 0.68 18.50
N ILE B 279 -6.02 -0.10 18.03
CA ILE B 279 -5.78 -1.16 17.06
C ILE B 279 -6.20 -0.64 15.70
N PHE B 280 -5.24 -0.30 14.86
CA PHE B 280 -5.54 0.31 13.57
C PHE B 280 -5.44 -0.69 12.44
N ILE B 281 -6.29 -0.46 11.45
CA ILE B 281 -6.38 -1.27 10.24
C ILE B 281 -5.73 -0.47 9.14
N ILE B 282 -4.58 -0.91 8.67
CA ILE B 282 -3.90 -0.28 7.55
C ILE B 282 -4.24 -1.12 6.33
N SER B 283 -5.01 -0.53 5.41
CA SER B 283 -5.46 -1.19 4.20
C SER B 283 -4.60 -0.73 3.03
N MET B 284 -4.00 -1.68 2.33
CA MET B 284 -3.14 -1.36 1.19
C MET B 284 -3.99 -1.33 -0.07
N TYR B 285 -3.69 -0.38 -0.96
CA TYR B 285 -4.38 -0.22 -2.23
C TYR B 285 -3.40 -0.36 -3.40
N LYS B 286 -3.82 -1.09 -4.44
CA LYS B 286 -3.10 -1.02 -5.70
C LYS B 286 -3.49 0.27 -6.42
N ASP B 287 -2.58 0.80 -7.24
CA ASP B 287 -2.79 2.08 -7.92
C ASP B 287 -2.59 1.94 -9.43
N SER B 288 -3.45 2.55 -10.25
CA SER B 288 -3.38 2.59 -11.73
C SER B 288 -2.14 3.41 -12.14
N GLN B 289 -1.74 4.39 -11.33
CA GLN B 289 -0.53 5.20 -11.51
C GLN B 289 0.34 4.84 -10.31
N PRO B 290 1.23 3.84 -10.40
CA PRO B 290 1.96 3.44 -9.22
C PRO B 290 2.95 4.52 -8.74
N ARG B 291 2.77 5.05 -7.54
CA ARG B 291 3.70 6.06 -6.96
C ARG B 291 4.15 5.75 -5.53
N GLY B 292 3.65 4.71 -4.84
CA GLY B 292 4.03 4.39 -3.48
C GLY B 292 3.06 3.40 -2.88
N MET B 293 3.33 3.03 -1.63
CA MET B 293 2.49 2.11 -0.87
C MET B 293 1.30 2.91 -0.34
N ALA B 294 0.24 2.96 -1.14
CA ALA B 294 -0.95 3.72 -0.80
C ALA B 294 -1.77 2.97 0.24
N VAL B 295 -2.17 3.67 1.30
CA VAL B 295 -2.91 3.04 2.39
C VAL B 295 -3.97 3.98 2.93
N THR B 296 -4.99 3.37 3.52
CA THR B 296 -5.89 4.04 4.45
C THR B 296 -5.60 3.52 5.86
N ILE B 297 -5.90 4.35 6.85
CA ILE B 297 -5.77 4.01 8.27
C ILE B 297 -7.14 4.14 8.89
N SER B 298 -7.64 3.00 9.39
CA SER B 298 -8.98 2.91 9.93
C SER B 298 -9.00 2.24 11.29
N VAL B 299 -10.11 2.30 12.01
CA VAL B 299 -10.17 1.67 13.35
C VAL B 299 -11.61 1.24 13.61
N LYS B 300 -11.82 0.05 14.19
CA LYS B 300 -13.15 -0.56 14.42
C LYS B 300 -13.60 -0.38 15.89
N GLU B 302 -17.63 1.08 17.81
CA GLU B 302 -19.05 0.78 17.52
C GLU B 302 -19.24 0.85 16.01
N LYS B 303 -18.69 1.89 15.38
CA LYS B 303 -18.69 2.07 13.90
C LYS B 303 -17.24 2.21 13.45
N ILE B 304 -16.96 2.02 12.16
CA ILE B 304 -15.56 2.09 11.65
C ILE B 304 -15.27 3.55 11.31
N SER B 305 -14.06 4.03 11.62
CA SER B 305 -13.62 5.39 11.37
C SER B 305 -12.31 5.35 10.59
N THR B 306 -12.14 6.34 9.72
CA THR B 306 -11.00 6.41 8.81
C THR B 306 -10.31 7.75 8.95
N LEU B 307 -8.98 7.71 8.95
CA LEU B 307 -8.21 8.94 9.10
C LEU B 307 -8.24 9.75 7.80
N SER B 308 -8.42 11.06 7.95
CA SER B 308 -8.49 11.98 6.84
C SER B 308 -7.60 13.18 7.11
N CYS B 309 -7.14 13.82 6.03
CA CYS B 309 -6.39 15.06 6.14
C CYS B 309 -7.09 16.19 5.41
N GLU B 310 -8.42 16.11 5.29
CA GLU B 310 -9.18 17.15 4.61
C GLU B 310 -8.84 18.53 5.14
N ASN B 311 -8.64 19.47 4.22
CA ASN B 311 -8.28 20.85 4.56
C ASN B 311 -7.04 20.90 5.44
N LYS B 312 -6.13 19.96 5.25
CA LYS B 312 -4.84 19.91 5.93
C LYS B 312 -4.98 19.74 7.44
N ILE B 313 -6.13 19.30 7.94
CA ILE B 313 -6.29 18.98 9.35
C ILE B 313 -6.60 17.49 9.48
N ILE B 314 -5.96 16.86 10.45
CA ILE B 314 -6.06 15.42 10.65
C ILE B 314 -7.26 15.13 11.54
N SER B 315 -8.23 14.39 11.01
CA SER B 315 -9.42 14.01 11.75
C SER B 315 -9.75 12.57 11.43
N PHE B 316 -10.73 12.01 12.14
CA PHE B 316 -11.31 10.69 11.86
C PHE B 316 -12.73 10.90 11.36
N LYS B 317 -13.09 10.37 10.19
CA LYS B 317 -14.45 10.45 9.62
C LYS B 317 -15.12 9.11 9.89
N GLU B 318 -16.41 9.11 10.22
CA GLU B 318 -17.11 7.84 10.47
C GLU B 318 -17.43 7.28 9.08
N MET B 319 -16.60 6.35 8.57
CA MET B 319 -16.78 5.75 7.23
C MET B 319 -15.84 4.57 7.09
N ASN B 320 -16.22 3.58 6.29
CA ASN B 320 -15.37 2.43 5.99
C ASN B 320 -14.48 2.75 4.79
N PRO B 321 -13.22 2.35 4.78
CA PRO B 321 -12.37 2.56 3.61
C PRO B 321 -12.97 1.87 2.39
N PRO B 322 -13.13 2.59 1.28
CA PRO B 322 -13.87 2.02 0.15
C PRO B 322 -13.04 1.06 -0.71
N ASP B 323 -13.74 0.12 -1.35
CA ASP B 323 -13.08 -0.84 -2.22
C ASP B 323 -12.38 -0.16 -3.40
N ASN B 324 -12.94 0.95 -3.89
CA ASN B 324 -12.41 1.66 -5.04
C ASN B 324 -12.41 3.16 -4.77
N ILE B 325 -11.43 3.85 -5.34
CA ILE B 325 -11.35 5.31 -5.27
C ILE B 325 -10.99 5.81 -6.67
N LYS B 326 -11.88 6.58 -7.29
CA LYS B 326 -11.78 6.88 -8.70
C LYS B 326 -10.74 7.96 -9.01
N ASP B 327 -10.19 8.62 -8.01
CA ASP B 327 -9.26 9.71 -8.20
C ASP B 327 -7.81 9.21 -8.17
N THR B 328 -6.87 10.09 -8.52
CA THR B 328 -5.46 9.80 -8.30
C THR B 328 -4.96 10.26 -6.93
N LYS B 329 -5.77 11.02 -6.20
CA LYS B 329 -5.42 11.51 -4.88
C LYS B 329 -6.66 11.44 -4.01
N SER B 330 -6.46 11.35 -2.70
CA SER B 330 -7.60 11.30 -1.79
C SER B 330 -7.17 11.75 -0.40
N ASP B 331 -8.09 12.44 0.28
CA ASP B 331 -7.84 12.90 1.64
C ASP B 331 -7.71 11.77 2.64
N ILE B 332 -8.03 10.52 2.26
CA ILE B 332 -7.86 9.37 3.14
C ILE B 332 -6.74 8.45 2.68
N ILE B 333 -6.08 8.76 1.57
CA ILE B 333 -5.01 7.92 1.04
C ILE B 333 -3.69 8.57 1.38
N PHE B 334 -2.85 7.85 2.11
CA PHE B 334 -1.49 8.27 2.41
C PHE B 334 -0.54 7.28 1.77
N PHE B 335 0.65 7.76 1.41
CA PHE B 335 1.73 6.89 0.96
C PHE B 335 2.62 6.56 2.15
N GLN B 336 2.71 5.27 2.48
CA GLN B 336 3.52 4.79 3.60
C GLN B 336 4.93 4.56 3.10
N ARG B 337 5.88 5.33 3.63
CA ARG B 337 7.25 5.31 3.13
C ARG B 337 8.24 4.91 4.21
N SER B 338 9.20 4.06 3.82
CA SER B 338 10.33 3.67 4.66
C SER B 338 11.20 4.89 4.97
N VAL B 339 11.63 5.03 6.22
CA VAL B 339 12.59 6.10 6.57
C VAL B 339 13.97 5.62 6.14
N PRO B 340 14.67 6.37 5.29
CA PRO B 340 15.81 5.77 4.56
C PRO B 340 16.95 5.28 5.44
N GLY B 341 17.25 6.00 6.51
CA GLY B 341 18.37 5.63 7.40
C GLY B 341 17.94 5.03 8.73
N HIS B 342 16.65 4.72 8.88
CA HIS B 342 16.05 4.08 10.09
C HIS B 342 15.17 2.96 9.55
N ASP B 343 15.69 1.73 9.46
CA ASP B 343 15.13 0.58 8.69
C ASP B 343 13.71 0.16 9.08
N ASN B 344 13.31 0.29 10.33
CA ASN B 344 11.99 -0.21 10.79
C ASN B 344 11.02 0.93 11.10
N LYS B 345 11.24 2.10 10.52
CA LYS B 345 10.38 3.27 10.80
C LYS B 345 9.67 3.66 9.50
N MET B 346 8.49 4.29 9.62
CA MET B 346 7.66 4.70 8.49
C MET B 346 7.24 6.15 8.61
N GLN B 347 7.08 6.80 7.46
CA GLN B 347 6.46 8.11 7.37
C GLN B 347 5.23 7.97 6.47
N PHE B 348 4.22 8.82 6.71
CA PHE B 348 2.98 8.78 5.94
C PHE B 348 2.79 10.12 5.24
N GLU B 349 2.86 10.11 3.91
CA GLU B 349 2.73 11.31 3.10
C GLU B 349 1.32 11.43 2.56
N SER B 350 0.73 12.61 2.71
CA SER B 350 -0.58 12.84 2.13
C SER B 350 -0.50 12.71 0.62
N SER B 351 -1.48 12.06 -0.02
CA SER B 351 -1.58 11.95 -1.49
C SER B 351 -2.20 13.26 -2.01
N SER B 352 -3.09 13.86 -1.22
CA SER B 352 -3.77 15.16 -1.49
C SER B 352 -2.81 16.35 -1.47
N TYR B 353 -1.87 16.34 -0.54
CA TYR B 353 -0.94 17.46 -0.26
C TYR B 353 0.42 16.78 -0.38
N GLU B 354 1.05 16.89 -1.55
CA GLU B 354 2.36 16.26 -1.82
C GLU B 354 3.38 17.03 -0.98
N GLY B 355 4.24 16.34 -0.25
CA GLY B 355 5.25 16.97 0.62
C GLY B 355 4.74 17.21 2.03
N TYR B 356 3.48 16.88 2.34
CA TYR B 356 2.97 17.02 3.70
C TYR B 356 2.91 15.62 4.32
N PHE B 357 3.25 15.53 5.59
CA PHE B 357 3.37 14.25 6.29
C PHE B 357 2.64 14.28 7.62
N LEU B 358 2.15 13.11 8.03
CA LEU B 358 1.67 12.93 9.39
C LEU B 358 2.82 13.17 10.37
N ALA B 359 2.53 13.85 11.48
CA ALA B 359 3.56 14.17 12.45
C ALA B 359 2.96 14.22 13.85
N CYS B 360 3.82 14.07 14.84
CA CYS B 360 3.43 14.14 16.24
C CYS B 360 3.94 15.46 16.80
N GLU B 361 3.04 16.23 17.42
CA GLU B 361 3.37 17.50 18.04
C GLU B 361 2.68 17.60 19.39
N LYS B 362 3.41 18.09 20.39
CA LYS B 362 2.85 18.28 21.71
C LYS B 362 2.16 19.65 21.79
N GLU B 363 1.01 19.72 22.49
CA GLU B 363 0.23 20.95 22.78
C GLU B 363 -0.39 20.74 24.17
N ARG B 364 -0.17 21.61 25.16
CA ARG B 364 -0.71 21.41 26.53
C ARG B 364 -0.21 20.05 27.04
N ASP B 365 -1.08 19.16 27.52
CA ASP B 365 -0.70 17.77 27.92
C ASP B 365 -1.01 16.75 26.80
N LEU B 366 -1.24 17.20 25.57
CA LEU B 366 -1.60 16.32 24.46
C LEU B 366 -0.39 16.03 23.59
N PHE B 367 -0.38 14.86 22.99
CA PHE B 367 0.58 14.49 21.94
C PHE B 367 -0.29 14.23 20.71
N LYS B 368 -0.34 15.20 19.80
CA LYS B 368 -1.30 15.20 18.71
C LYS B 368 -0.69 14.65 17.43
N LEU B 369 -1.53 14.01 16.62
CA LEU B 369 -1.18 13.69 15.23
C LEU B 369 -1.65 14.85 14.37
N ILE B 370 -0.72 15.49 13.64
CA ILE B 370 -1.05 16.60 12.77
C ILE B 370 -0.48 16.32 11.38
N LEU B 371 -0.70 17.28 10.47
CA LEU B 371 -0.12 17.27 9.13
C LEU B 371 0.89 18.41 9.03
N LYS B 372 2.09 18.09 8.58
CA LYS B 372 3.19 19.04 8.55
C LYS B 372 3.89 18.99 7.21
N LYS B 373 4.18 20.16 6.63
CA LYS B 373 5.01 20.17 5.44
C LYS B 373 6.45 19.83 5.83
N GLU B 374 7.08 18.94 5.07
CA GLU B 374 8.46 18.57 5.35
C GLU B 374 9.42 19.74 5.26
N ASP B 375 10.11 20.05 6.37
CA ASP B 375 10.99 21.21 6.43
C ASP B 375 12.35 20.95 7.04
N GLU B 376 12.74 19.70 7.23
CA GLU B 376 13.93 19.38 8.02
C GLU B 376 14.34 17.95 7.70
N LEU B 377 15.59 17.76 7.29
CA LEU B 377 16.08 16.41 7.01
C LEU B 377 16.28 15.62 8.30
N GLY B 378 15.79 14.38 8.31
CA GLY B 378 15.92 13.56 9.49
C GLY B 378 14.96 13.96 10.59
N ASP B 379 13.85 14.59 10.24
CA ASP B 379 12.86 15.01 11.21
C ASP B 379 12.22 13.78 11.85
N ARG B 380 12.43 13.60 13.14
CA ARG B 380 11.90 12.45 13.85
C ARG B 380 10.43 12.59 14.20
N SER B 381 9.86 13.79 14.08
CA SER B 381 8.45 13.98 14.42
C SER B 381 7.52 13.34 13.40
N ILE B 382 8.01 13.04 12.20
CA ILE B 382 7.18 12.42 11.16
C ILE B 382 7.51 10.94 10.99
N MET B 383 8.27 10.36 11.91
CA MET B 383 8.66 8.97 11.84
C MET B 383 7.84 8.16 12.84
N PHE B 384 7.44 6.97 12.42
CA PHE B 384 6.61 6.08 13.24
C PHE B 384 7.06 4.65 13.09
N THR B 385 6.83 3.87 14.14
CA THR B 385 6.97 2.42 14.08
C THR B 385 5.59 1.82 13.94
N VAL B 386 5.45 0.89 13.00
CA VAL B 386 4.20 0.16 12.79
C VAL B 386 4.42 -1.26 13.26
N GLN B 387 3.80 -1.69 14.36
CA GLN B 387 3.88 -3.07 14.91
C GLN B 387 2.68 -3.88 14.43
N ASN B 388 2.90 -5.01 13.76
CA ASN B 388 1.76 -5.80 13.24
C ASN B 388 1.14 -6.56 14.41
N GLU B 389 -0.19 -6.66 14.48
CA GLU B 389 -0.92 -7.38 15.55
C GLU B 389 -1.91 -8.37 14.92
N ASP B 390 -1.45 -9.14 13.92
CA ASP B 390 -2.29 -10.16 13.24
C ASP B 390 -1.37 -11.17 12.55
#